data_9DV8
#
_entry.id   9DV8
#
_cell.length_a   88.132
_cell.length_b   105.050
_cell.length_c   52.731
_cell.angle_alpha   90.000
_cell.angle_beta   90.000
_cell.angle_gamma   90.000
#
_symmetry.space_group_name_H-M   'P 21 21 2'
#
loop_
_entity.id
_entity.type
_entity.pdbx_description
1 polymer 'Acetate kinase'
2 non-polymer 1,2-ETHANEDIOL
3 water water
#
_entity_poly.entity_id   1
_entity_poly.type   'polypeptide(L)'
_entity_poly.pdbx_seq_one_letter_code
;MGSDKIHHHHHHDYDIPTTENLYFQGMVILTLNCGSSSVKYQVYDWDNHSVLASGVVERVTQPGSVITHEAKGKDKYVLE
SPCPSHTHAVELIIKTLTDPSVGVITDMNVIKAVGHRVTHGGDKFIKSVIVTPEILNTFREVQDLGPLHNPANIMGIEAA
QKVLPNVPHCAIIDTAWHQTMPETSFMYAIPHEWYEKYSARRYGFHGTSFLYTAKRAAVILGKKPEDTNIIIAHIGNGAS
MCCVKQGKCFDTSMGLTPLEGLVMGTRSGDCDPALPFYIMRKTGMTPAEMDTALNKKSGLLGVTGQYVDRRDVSKAMGEG
DKRARLAFNMEVYRLQKYFGAYIAALGQKPDAIVFTAGVGEFGFDTRLAVCEGLTHLGIKIDPKKNALARTRNAETCISA
DDSPVKIFVIPTDEELVMTEDAYALMKGTYDVHTKFTYSFQSPNYVNKARAEGLKKDLEKKPELASIVVKIPGAR
;
_entity_poly.pdbx_strand_id   A
#
# COMPACT_ATOMS: atom_id res chain seq x y z
N TYR A 23 16.96 -0.76 -27.18
CA TYR A 23 16.82 -2.13 -26.62
C TYR A 23 15.44 -2.70 -26.94
N PHE A 24 15.29 -4.00 -26.70
CA PHE A 24 13.97 -4.64 -26.81
C PHE A 24 12.99 -3.97 -25.87
N GLN A 25 11.87 -3.53 -26.44
CA GLN A 25 10.85 -2.76 -25.71
C GLN A 25 9.54 -3.52 -25.58
N GLY A 26 9.50 -4.80 -25.93
CA GLY A 26 8.27 -5.54 -25.98
C GLY A 26 7.85 -6.31 -24.73
N MET A 27 8.60 -6.20 -23.63
N MET A 27 8.57 -6.15 -23.62
CA MET A 27 8.18 -6.89 -22.40
CA MET A 27 8.22 -6.86 -22.38
C MET A 27 7.62 -5.84 -21.44
C MET A 27 7.61 -5.86 -21.40
N VAL A 28 6.40 -5.40 -21.72
CA VAL A 28 5.74 -4.35 -20.96
C VAL A 28 4.56 -4.93 -20.18
N ILE A 29 4.44 -4.48 -18.94
CA ILE A 29 3.36 -4.88 -18.05
C ILE A 29 2.54 -3.64 -17.70
N LEU A 30 1.22 -3.75 -17.82
CA LEU A 30 0.30 -2.70 -17.40
C LEU A 30 -0.26 -3.09 -16.04
N THR A 31 -0.29 -2.13 -15.10
CA THR A 31 -0.97 -2.35 -13.82
C THR A 31 -2.11 -1.36 -13.69
N LEU A 32 -3.21 -1.82 -13.11
CA LEU A 32 -4.43 -1.03 -12.96
C LEU A 32 -4.95 -1.16 -11.55
N ASN A 33 -5.46 -0.06 -11.02
CA ASN A 33 -6.16 -0.03 -9.75
C ASN A 33 -7.42 0.78 -9.97
N CYS A 34 -8.57 0.12 -9.94
CA CYS A 34 -9.84 0.73 -10.33
C CYS A 34 -10.73 0.94 -9.12
N GLY A 35 -11.17 2.18 -8.95
CA GLY A 35 -12.15 2.54 -7.95
C GLY A 35 -13.48 2.83 -8.63
N SER A 36 -14.46 3.20 -7.79
CA SER A 36 -15.80 3.40 -8.31
C SER A 36 -15.85 4.53 -9.34
N SER A 37 -14.93 5.50 -9.26
CA SER A 37 -14.90 6.59 -10.22
C SER A 37 -13.50 6.89 -10.73
N SER A 38 -12.57 5.93 -10.65
CA SER A 38 -11.22 6.21 -11.10
C SER A 38 -10.54 4.93 -11.59
N VAL A 39 -9.55 5.12 -12.46
CA VAL A 39 -8.65 4.06 -12.90
C VAL A 39 -7.23 4.62 -12.83
N LYS A 40 -6.43 4.12 -11.89
CA LYS A 40 -5.02 4.45 -11.84
C LYS A 40 -4.23 3.41 -12.62
N TYR A 41 -3.19 3.86 -13.32
CA TYR A 41 -2.42 2.94 -14.16
C TYR A 41 -0.93 3.25 -14.07
N GLN A 42 -0.15 2.22 -14.34
CA GLN A 42 1.29 2.32 -14.53
C GLN A 42 1.69 1.35 -15.64
N VAL A 43 2.68 1.77 -16.42
CA VAL A 43 3.25 0.96 -17.48
C VAL A 43 4.71 0.74 -17.14
N TYR A 44 5.11 -0.53 -17.04
CA TYR A 44 6.46 -0.90 -16.63
C TYR A 44 7.10 -1.73 -17.73
N ASP A 45 8.29 -1.31 -18.14
CA ASP A 45 9.08 -2.06 -19.12
C ASP A 45 9.99 -2.98 -18.30
N TRP A 46 9.66 -4.27 -18.31
CA TRP A 46 10.37 -5.22 -17.46
C TRP A 46 11.83 -5.36 -17.90
N ASP A 47 12.07 -5.56 -19.19
CA ASP A 47 13.43 -5.83 -19.64
C ASP A 47 14.34 -4.61 -19.50
N ASN A 48 13.79 -3.41 -19.59
CA ASN A 48 14.57 -2.20 -19.36
C ASN A 48 14.40 -1.64 -17.96
N HIS A 49 13.67 -2.33 -17.11
CA HIS A 49 13.58 -2.03 -15.68
C HIS A 49 13.18 -0.58 -15.43
N SER A 50 12.11 -0.14 -16.08
N SER A 50 12.12 -0.14 -16.09
CA SER A 50 11.78 1.28 -16.09
CA SER A 50 11.78 1.28 -16.03
C SER A 50 10.27 1.50 -16.11
C SER A 50 10.28 1.48 -16.07
N VAL A 51 9.83 2.52 -15.38
CA VAL A 51 8.43 2.96 -15.44
C VAL A 51 8.31 3.88 -16.64
N LEU A 52 7.53 3.46 -17.65
CA LEU A 52 7.37 4.27 -18.84
C LEU A 52 6.39 5.39 -18.65
N ALA A 53 5.34 5.16 -17.86
CA ALA A 53 4.31 6.15 -17.64
C ALA A 53 3.47 5.73 -16.45
N SER A 54 2.81 6.71 -15.86
CA SER A 54 1.77 6.44 -14.87
C SER A 54 0.72 7.53 -15.03
N GLY A 55 -0.46 7.27 -14.48
CA GLY A 55 -1.51 8.26 -14.59
C GLY A 55 -2.79 7.78 -13.96
N VAL A 56 -3.84 8.57 -14.18
CA VAL A 56 -5.14 8.28 -13.60
C VAL A 56 -6.21 8.85 -14.51
N VAL A 57 -7.29 8.11 -14.68
CA VAL A 57 -8.54 8.65 -15.20
C VAL A 57 -9.44 8.91 -14.01
N GLU A 58 -9.86 10.16 -13.85
CA GLU A 58 -10.74 10.58 -12.78
C GLU A 58 -12.14 10.80 -13.32
N ARG A 59 -13.11 10.78 -12.39
CA ARG A 59 -14.52 10.99 -12.72
C ARG A 59 -15.01 9.98 -13.75
N VAL A 60 -14.50 8.75 -13.65
CA VAL A 60 -15.05 7.66 -14.44
C VAL A 60 -16.47 7.39 -13.99
N THR A 61 -17.37 7.18 -14.96
CA THR A 61 -18.81 7.00 -14.78
C THR A 61 -19.52 8.30 -14.43
N GLN A 62 -18.83 9.43 -14.46
CA GLN A 62 -19.36 10.71 -14.05
C GLN A 62 -19.14 11.73 -15.13
N PRO A 63 -19.89 12.83 -15.12
CA PRO A 63 -19.59 13.92 -16.05
C PRO A 63 -18.20 14.47 -15.79
N GLY A 64 -17.48 14.76 -16.87
CA GLY A 64 -16.18 15.39 -16.75
C GLY A 64 -15.02 14.43 -16.56
N SER A 65 -15.14 13.18 -16.99
CA SER A 65 -14.03 12.24 -16.92
C SER A 65 -12.79 12.86 -17.56
N VAL A 66 -11.62 12.57 -16.99
CA VAL A 66 -10.39 13.26 -17.40
C VAL A 66 -9.20 12.37 -17.09
N ILE A 67 -8.29 12.24 -18.05
CA ILE A 67 -7.06 11.48 -17.86
C ILE A 67 -5.92 12.45 -17.59
N THR A 68 -5.11 12.12 -16.59
CA THR A 68 -3.84 12.79 -16.33
C THR A 68 -2.75 11.74 -16.55
N HIS A 69 -1.85 12.01 -17.48
CA HIS A 69 -0.90 11.03 -18.00
C HIS A 69 0.50 11.59 -17.86
N GLU A 70 1.35 10.87 -17.13
CA GLU A 70 2.72 11.30 -16.87
C GLU A 70 3.68 10.31 -17.52
N ALA A 71 4.24 10.68 -18.65
CA ALA A 71 5.21 9.86 -19.37
C ALA A 71 6.60 10.26 -18.93
N LYS A 72 7.49 9.26 -18.85
CA LYS A 72 8.86 9.48 -18.45
C LYS A 72 9.49 10.57 -19.32
N GLY A 73 10.03 11.59 -18.66
CA GLY A 73 10.73 12.65 -19.35
C GLY A 73 9.87 13.65 -20.08
N LYS A 74 8.56 13.67 -19.84
CA LYS A 74 7.67 14.55 -20.55
C LYS A 74 6.82 15.35 -19.58
N ASP A 75 6.29 16.47 -20.07
CA ASP A 75 5.34 17.24 -19.29
C ASP A 75 4.05 16.44 -19.09
N LYS A 76 3.38 16.70 -17.98
CA LYS A 76 2.06 16.15 -17.71
C LYS A 76 1.09 16.45 -18.84
N TYR A 77 0.34 15.43 -19.24
CA TYR A 77 -0.69 15.54 -20.28
C TYR A 77 -2.06 15.34 -19.64
N VAL A 78 -2.99 16.24 -19.92
CA VAL A 78 -4.34 16.19 -19.37
C VAL A 78 -5.34 16.31 -20.51
N LEU A 79 -6.29 15.37 -20.56
CA LEU A 79 -7.35 15.40 -21.58
C LEU A 79 -8.68 15.00 -20.96
N GLU A 80 -9.70 15.85 -21.19
CA GLU A 80 -11.07 15.52 -20.82
C GLU A 80 -11.70 14.68 -21.92
N SER A 81 -12.27 13.54 -21.56
CA SER A 81 -12.90 12.67 -22.55
C SER A 81 -13.92 11.81 -21.82
N PRO A 82 -15.17 11.75 -22.26
CA PRO A 82 -16.20 11.08 -21.45
C PRO A 82 -15.93 9.60 -21.25
N CYS A 83 -16.12 9.12 -20.02
CA CYS A 83 -15.96 7.72 -19.66
C CYS A 83 -17.15 7.29 -18.83
N PRO A 84 -18.29 7.03 -19.48
CA PRO A 84 -19.45 6.53 -18.73
C PRO A 84 -19.23 5.17 -18.10
N SER A 85 -18.23 4.41 -18.56
CA SER A 85 -17.94 3.11 -18.00
C SER A 85 -16.43 2.95 -17.81
N HIS A 86 -16.07 1.96 -17.00
CA HIS A 86 -14.65 1.64 -16.86
C HIS A 86 -14.05 1.17 -18.17
N THR A 87 -14.84 0.57 -19.05
CA THR A 87 -14.31 0.18 -20.35
C THR A 87 -13.84 1.41 -21.13
N HIS A 88 -14.63 2.48 -21.13
CA HIS A 88 -14.20 3.70 -21.79
C HIS A 88 -12.92 4.22 -21.16
N ALA A 89 -12.79 4.10 -19.85
CA ALA A 89 -11.59 4.59 -19.19
C ALA A 89 -10.37 3.78 -19.63
N VAL A 90 -10.49 2.46 -19.70
CA VAL A 90 -9.35 1.65 -20.15
C VAL A 90 -9.03 1.95 -21.61
N GLU A 91 -10.05 2.09 -22.46
CA GLU A 91 -9.81 2.48 -23.85
C GLU A 91 -9.08 3.81 -23.93
N LEU A 92 -9.47 4.79 -23.09
CA LEU A 92 -8.78 6.08 -23.09
C LEU A 92 -7.33 5.92 -22.67
N ILE A 93 -7.05 5.10 -21.66
CA ILE A 93 -5.67 4.86 -21.25
C ILE A 93 -4.86 4.29 -22.41
N ILE A 94 -5.39 3.26 -23.07
CA ILE A 94 -4.62 2.61 -24.13
C ILE A 94 -4.38 3.56 -25.29
N LYS A 95 -5.41 4.31 -25.68
CA LYS A 95 -5.24 5.29 -26.75
C LYS A 95 -4.17 6.30 -26.39
N THR A 96 -4.18 6.77 -25.14
CA THR A 96 -3.17 7.72 -24.70
C THR A 96 -1.78 7.10 -24.69
N LEU A 97 -1.67 5.85 -24.25
CA LEU A 97 -0.37 5.20 -24.19
C LEU A 97 0.22 4.95 -25.57
N THR A 98 -0.62 4.73 -26.58
CA THR A 98 -0.14 4.45 -27.93
C THR A 98 -0.12 5.68 -28.81
N ASP A 99 -0.46 6.85 -28.28
CA ASP A 99 -0.53 8.04 -29.09
C ASP A 99 0.87 8.40 -29.60
N PRO A 100 0.98 8.79 -30.88
CA PRO A 100 2.32 9.10 -31.43
C PRO A 100 3.08 10.22 -30.70
N SER A 101 2.38 11.23 -30.19
CA SER A 101 3.08 12.36 -29.58
C SER A 101 3.23 12.23 -28.07
N VAL A 102 2.20 11.79 -27.36
CA VAL A 102 2.23 11.76 -25.90
C VAL A 102 2.36 10.35 -25.34
N GLY A 103 2.31 9.32 -26.19
CA GLY A 103 2.33 7.96 -25.73
C GLY A 103 3.73 7.43 -25.47
N VAL A 104 3.77 6.17 -25.02
CA VAL A 104 5.03 5.58 -24.59
C VAL A 104 5.26 4.18 -25.15
N ILE A 105 4.29 3.62 -25.86
CA ILE A 105 4.41 2.31 -26.47
C ILE A 105 3.90 2.42 -27.90
N THR A 106 4.45 1.58 -28.78
CA THR A 106 4.15 1.74 -30.21
C THR A 106 2.74 1.26 -30.53
N ASP A 107 2.27 0.22 -29.85
CA ASP A 107 0.93 -0.31 -30.07
C ASP A 107 0.52 -1.10 -28.84
N MET A 108 -0.76 -1.48 -28.80
CA MET A 108 -1.30 -2.13 -27.62
C MET A 108 -0.70 -3.51 -27.38
N ASN A 109 -0.20 -4.16 -28.43
CA ASN A 109 0.39 -5.49 -28.28
C ASN A 109 1.76 -5.45 -27.64
N VAL A 110 2.30 -4.28 -27.39
CA VAL A 110 3.51 -4.19 -26.58
C VAL A 110 3.25 -4.68 -25.16
N ILE A 111 2.04 -4.47 -24.65
CA ILE A 111 1.65 -4.93 -23.33
C ILE A 111 1.48 -6.45 -23.39
N LYS A 112 2.18 -7.16 -22.49
CA LYS A 112 2.15 -8.62 -22.46
C LYS A 112 1.36 -9.22 -21.29
N ALA A 113 1.02 -8.43 -20.28
CA ALA A 113 0.22 -8.89 -19.17
C ALA A 113 -0.33 -7.65 -18.46
N VAL A 114 -1.45 -7.85 -17.77
CA VAL A 114 -2.07 -6.81 -16.97
C VAL A 114 -2.21 -7.30 -15.54
N GLY A 115 -1.72 -6.50 -14.60
CA GLY A 115 -1.91 -6.77 -13.18
C GLY A 115 -2.95 -5.86 -12.61
N HIS A 116 -4.00 -6.43 -12.02
CA HIS A 116 -5.11 -5.69 -11.45
C HIS A 116 -5.09 -5.78 -9.94
N ARG A 117 -5.36 -4.66 -9.28
CA ARG A 117 -5.56 -4.66 -7.83
C ARG A 117 -6.94 -5.21 -7.50
N VAL A 118 -6.99 -6.24 -6.66
CA VAL A 118 -8.23 -6.70 -6.07
C VAL A 118 -8.10 -6.57 -4.57
N THR A 119 -9.07 -5.89 -3.95
CA THR A 119 -8.91 -5.54 -2.54
C THR A 119 -9.05 -6.76 -1.64
N HIS A 120 -10.05 -7.60 -1.88
CA HIS A 120 -10.43 -8.63 -0.92
C HIS A 120 -10.48 -9.98 -1.61
N GLY A 121 -9.70 -10.94 -1.09
CA GLY A 121 -9.78 -12.31 -1.54
C GLY A 121 -10.36 -13.28 -0.54
N GLY A 122 -10.92 -12.79 0.56
CA GLY A 122 -11.37 -13.69 1.61
C GLY A 122 -10.25 -14.62 2.01
N ASP A 123 -10.64 -15.84 2.39
CA ASP A 123 -9.66 -16.91 2.59
C ASP A 123 -9.64 -17.86 1.40
N LYS A 124 -10.14 -17.42 0.26
CA LYS A 124 -10.13 -18.24 -0.95
C LYS A 124 -8.87 -18.04 -1.78
N PHE A 125 -8.14 -16.94 -1.56
CA PHE A 125 -6.96 -16.63 -2.35
C PHE A 125 -5.80 -16.35 -1.41
N ILE A 126 -4.72 -17.12 -1.54
CA ILE A 126 -3.52 -16.93 -0.75
C ILE A 126 -2.39 -16.30 -1.55
N LYS A 127 -2.59 -16.09 -2.85
CA LYS A 127 -1.55 -15.59 -3.74
C LYS A 127 -2.22 -15.07 -4.99
N SER A 128 -1.43 -14.39 -5.81
CA SER A 128 -1.94 -13.82 -7.05
C SER A 128 -2.32 -14.92 -8.03
N VAL A 129 -3.24 -14.59 -8.93
CA VAL A 129 -3.80 -15.55 -9.87
C VAL A 129 -4.01 -14.92 -11.25
N ILE A 130 -3.91 -15.76 -12.28
CA ILE A 130 -4.43 -15.41 -13.58
C ILE A 130 -5.94 -15.55 -13.57
N VAL A 131 -6.63 -14.50 -14.02
CA VAL A 131 -8.09 -14.50 -13.99
C VAL A 131 -8.62 -15.42 -15.08
N THR A 132 -9.57 -16.25 -14.69
CA THR A 132 -10.36 -17.11 -15.57
C THR A 132 -11.82 -16.91 -15.20
N PRO A 133 -12.75 -17.41 -16.02
CA PRO A 133 -14.17 -17.28 -15.63
C PRO A 133 -14.45 -17.89 -14.27
N GLU A 134 -13.81 -19.02 -13.96
CA GLU A 134 -14.03 -19.68 -12.68
C GLU A 134 -13.45 -18.87 -11.54
N ILE A 135 -12.30 -18.23 -11.75
CA ILE A 135 -11.74 -17.37 -10.71
C ILE A 135 -12.63 -16.15 -10.50
N LEU A 136 -13.21 -15.62 -11.58
CA LEU A 136 -14.16 -14.53 -11.42
C LEU A 136 -15.39 -14.96 -10.62
N ASN A 137 -15.88 -16.17 -10.86
CA ASN A 137 -16.97 -16.69 -10.03
C ASN A 137 -16.55 -16.77 -8.57
N THR A 138 -15.32 -17.22 -8.31
CA THR A 138 -14.84 -17.27 -6.93
C THR A 138 -14.76 -15.88 -6.32
N PHE A 139 -14.28 -14.89 -7.07
CA PHE A 139 -14.28 -13.53 -6.54
C PHE A 139 -15.70 -13.08 -6.18
N ARG A 140 -16.71 -13.52 -6.95
CA ARG A 140 -18.08 -13.14 -6.61
C ARG A 140 -18.52 -13.72 -5.28
N GLU A 141 -18.00 -14.91 -4.92
CA GLU A 141 -18.30 -15.47 -3.61
C GLU A 141 -17.82 -14.57 -2.48
N VAL A 142 -16.70 -13.86 -2.67
CA VAL A 142 -16.12 -13.07 -1.59
C VAL A 142 -16.45 -11.59 -1.69
N GLN A 143 -17.21 -11.16 -2.71
CA GLN A 143 -17.46 -9.74 -2.91
C GLN A 143 -18.05 -9.09 -1.67
N ASP A 144 -18.92 -9.80 -0.96
CA ASP A 144 -19.59 -9.24 0.22
C ASP A 144 -18.65 -8.99 1.38
N LEU A 145 -17.44 -9.54 1.35
CA LEU A 145 -16.46 -9.17 2.36
C LEU A 145 -15.83 -7.81 2.09
N GLY A 146 -15.75 -7.40 0.81
CA GLY A 146 -15.17 -6.13 0.43
C GLY A 146 -16.12 -5.31 -0.41
N PRO A 147 -17.30 -5.03 0.16
CA PRO A 147 -18.36 -4.38 -0.63
C PRO A 147 -18.02 -3.00 -1.14
N LEU A 148 -17.13 -2.28 -0.47
CA LEU A 148 -16.79 -0.92 -0.85
C LEU A 148 -15.66 -0.85 -1.87
N HIS A 149 -15.09 -1.99 -2.26
CA HIS A 149 -13.89 -1.98 -3.08
C HIS A 149 -13.91 -3.00 -4.20
N ASN A 150 -14.30 -4.23 -3.90
CA ASN A 150 -14.20 -5.28 -4.89
C ASN A 150 -15.06 -5.03 -6.12
N PRO A 151 -16.29 -4.53 -6.04
CA PRO A 151 -17.08 -4.33 -7.27
C PRO A 151 -16.32 -3.57 -8.35
N ALA A 152 -15.73 -2.42 -8.01
CA ALA A 152 -15.03 -1.65 -9.03
C ALA A 152 -13.73 -2.33 -9.47
N ASN A 153 -13.05 -3.04 -8.56
CA ASN A 153 -11.88 -3.81 -8.98
C ASN A 153 -12.26 -4.83 -10.05
N ILE A 154 -13.37 -5.53 -9.84
CA ILE A 154 -13.82 -6.53 -10.81
C ILE A 154 -14.29 -5.87 -12.09
N MET A 155 -15.03 -4.75 -12.00
CA MET A 155 -15.41 -4.04 -13.21
C MET A 155 -14.17 -3.67 -14.03
N GLY A 156 -13.08 -3.34 -13.34
CA GLY A 156 -11.86 -3.01 -14.05
C GLY A 156 -11.26 -4.20 -14.77
N ILE A 157 -11.29 -5.37 -14.13
CA ILE A 157 -10.85 -6.59 -14.79
C ILE A 157 -11.70 -6.84 -16.04
N GLU A 158 -13.02 -6.80 -15.90
CA GLU A 158 -13.90 -7.10 -17.02
C GLU A 158 -13.70 -6.10 -18.14
N ALA A 159 -13.50 -4.83 -17.80
CA ALA A 159 -13.25 -3.80 -18.80
C ALA A 159 -11.96 -4.06 -19.55
N ALA A 160 -10.88 -4.32 -18.83
CA ALA A 160 -9.59 -4.52 -19.47
C ALA A 160 -9.55 -5.81 -20.27
N GLN A 161 -10.29 -6.83 -19.85
CA GLN A 161 -10.33 -8.06 -20.63
C GLN A 161 -10.93 -7.83 -22.01
N LYS A 162 -11.88 -6.89 -22.12
CA LYS A 162 -12.44 -6.56 -23.44
C LYS A 162 -11.47 -5.75 -24.27
N VAL A 163 -10.72 -4.84 -23.65
CA VAL A 163 -9.82 -3.99 -24.42
C VAL A 163 -8.54 -4.73 -24.80
N LEU A 164 -8.02 -5.57 -23.91
CA LEU A 164 -6.78 -6.32 -24.12
C LEU A 164 -7.08 -7.81 -23.99
N PRO A 165 -7.76 -8.39 -24.97
CA PRO A 165 -8.24 -9.77 -24.82
C PRO A 165 -7.17 -10.84 -24.94
N ASN A 166 -5.98 -10.53 -25.43
CA ASN A 166 -5.02 -11.57 -25.78
C ASN A 166 -3.86 -11.69 -24.81
N VAL A 167 -3.96 -11.06 -23.64
CA VAL A 167 -2.92 -11.16 -22.62
C VAL A 167 -3.55 -11.70 -21.35
N PRO A 168 -2.75 -12.28 -20.45
CA PRO A 168 -3.29 -12.67 -19.15
C PRO A 168 -3.59 -11.44 -18.31
N HIS A 169 -4.75 -11.46 -17.69
CA HIS A 169 -5.12 -10.50 -16.67
C HIS A 169 -4.99 -11.19 -15.34
N CYS A 170 -4.24 -10.56 -14.45
CA CYS A 170 -3.85 -11.15 -13.18
C CYS A 170 -4.44 -10.34 -12.05
N ALA A 171 -4.83 -11.02 -10.98
CA ALA A 171 -5.35 -10.37 -9.78
C ALA A 171 -4.28 -10.44 -8.70
N ILE A 172 -3.89 -9.27 -8.20
CA ILE A 172 -2.94 -9.14 -7.10
C ILE A 172 -3.76 -8.58 -5.95
N ILE A 173 -3.83 -9.34 -4.85
CA ILE A 173 -4.94 -9.27 -3.90
C ILE A 173 -4.43 -8.73 -2.57
N ASP A 174 -5.03 -7.61 -2.11
CA ASP A 174 -4.49 -6.87 -0.97
C ASP A 174 -4.48 -7.71 0.32
N THR A 175 -5.40 -8.68 0.43
CA THR A 175 -5.52 -9.53 1.63
C THR A 175 -4.57 -10.73 1.60
N ALA A 176 -4.02 -11.08 0.43
CA ALA A 176 -3.36 -12.39 0.31
C ALA A 176 -2.13 -12.50 1.20
N TRP A 177 -1.32 -11.43 1.29
CA TRP A 177 -0.12 -11.43 2.13
C TRP A 177 -0.44 -11.93 3.53
N HIS A 178 -1.59 -11.55 4.07
CA HIS A 178 -1.95 -11.83 5.45
C HIS A 178 -2.50 -13.23 5.68
N GLN A 179 -2.64 -14.05 4.63
CA GLN A 179 -3.20 -15.38 4.77
C GLN A 179 -2.29 -16.34 5.50
N THR A 180 -1.07 -15.94 5.82
CA THR A 180 -0.23 -16.73 6.72
C THR A 180 -0.59 -16.55 8.20
N MET A 181 -1.48 -15.62 8.55
CA MET A 181 -1.80 -15.43 9.96
C MET A 181 -2.35 -16.74 10.55
N PRO A 182 -1.94 -17.09 11.77
CA PRO A 182 -2.52 -18.25 12.44
C PRO A 182 -3.90 -17.93 13.00
N GLU A 183 -4.66 -18.99 13.33
CA GLU A 183 -6.04 -18.78 13.76
C GLU A 183 -6.10 -17.94 15.04
N THR A 184 -5.11 -18.07 15.94
CA THR A 184 -5.15 -17.27 17.16
C THR A 184 -5.08 -15.78 16.86
N SER A 185 -4.48 -15.39 15.73
CA SER A 185 -4.46 -13.99 15.32
C SER A 185 -5.70 -13.59 14.51
N PHE A 186 -6.19 -14.48 13.64
CA PHE A 186 -7.24 -14.04 12.72
C PHE A 186 -8.67 -14.23 13.23
N MET A 187 -8.87 -15.08 14.23
CA MET A 187 -10.21 -15.29 14.75
C MET A 187 -10.64 -14.14 15.64
N TYR A 188 -11.86 -13.67 15.45
CA TYR A 188 -12.50 -12.82 16.44
C TYR A 188 -13.24 -13.71 17.47
N ALA A 189 -13.46 -13.15 18.64
CA ALA A 189 -14.15 -13.89 19.71
C ALA A 189 -15.66 -13.67 19.54
N ILE A 190 -16.19 -14.35 18.52
CA ILE A 190 -17.57 -14.23 18.06
C ILE A 190 -18.12 -15.64 17.90
N PRO A 191 -19.42 -15.82 17.71
CA PRO A 191 -19.95 -17.17 17.45
C PRO A 191 -19.18 -17.85 16.34
N HIS A 192 -18.75 -19.11 16.60
CA HIS A 192 -17.93 -19.79 15.60
C HIS A 192 -18.70 -19.98 14.29
N GLU A 193 -20.03 -20.01 14.36
CA GLU A 193 -20.81 -20.14 13.13
C GLU A 193 -20.64 -18.95 12.19
N TRP A 194 -20.32 -17.76 12.74
CA TRP A 194 -20.12 -16.62 11.85
C TRP A 194 -18.84 -16.78 11.03
N TYR A 195 -17.82 -17.41 11.62
CA TYR A 195 -16.63 -17.77 10.85
C TYR A 195 -16.96 -18.88 9.86
N GLU A 196 -17.63 -19.94 10.32
CA GLU A 196 -17.85 -21.09 9.48
C GLU A 196 -18.81 -20.79 8.34
N LYS A 197 -19.86 -20.01 8.59
CA LYS A 197 -20.86 -19.76 7.56
C LYS A 197 -20.55 -18.53 6.71
N TYR A 198 -19.96 -17.48 7.29
CA TYR A 198 -19.80 -16.21 6.60
C TYR A 198 -18.34 -15.80 6.45
N SER A 199 -17.40 -16.66 6.83
CA SER A 199 -15.97 -16.37 6.71
C SER A 199 -15.58 -15.08 7.43
N ALA A 200 -16.25 -14.79 8.55
CA ALA A 200 -15.92 -13.61 9.34
C ALA A 200 -14.67 -13.90 10.15
N ARG A 201 -13.63 -13.09 9.91
CA ARG A 201 -12.32 -13.20 10.55
C ARG A 201 -11.54 -11.97 10.12
N ARG A 202 -10.37 -11.80 10.72
CA ARG A 202 -9.46 -10.72 10.32
C ARG A 202 -8.80 -11.08 9.01
N TYR A 203 -8.77 -10.12 8.08
CA TYR A 203 -8.10 -10.30 6.79
C TYR A 203 -6.88 -9.40 6.65
N GLY A 204 -7.02 -8.09 6.88
CA GLY A 204 -5.91 -7.18 6.69
C GLY A 204 -5.73 -6.78 5.23
N PHE A 205 -5.06 -5.64 5.04
CA PHE A 205 -4.91 -5.04 3.70
C PHE A 205 -3.51 -4.46 3.57
N HIS A 206 -3.28 -3.63 2.56
CA HIS A 206 -1.94 -3.16 2.25
C HIS A 206 -0.96 -4.31 1.98
N GLY A 207 -1.47 -5.44 1.51
CA GLY A 207 -0.63 -6.62 1.40
C GLY A 207 0.56 -6.43 0.47
N THR A 208 0.36 -5.76 -0.68
CA THR A 208 1.48 -5.56 -1.58
C THR A 208 2.53 -4.65 -0.96
N SER A 209 2.10 -3.66 -0.17
CA SER A 209 3.07 -2.79 0.46
C SER A 209 3.87 -3.54 1.51
N PHE A 210 3.19 -4.32 2.35
CA PHE A 210 3.91 -5.10 3.35
C PHE A 210 4.84 -6.12 2.72
N LEU A 211 4.40 -6.78 1.65
CA LEU A 211 5.27 -7.74 1.00
C LEU A 211 6.55 -7.06 0.51
N TYR A 212 6.40 -5.96 -0.20
CA TYR A 212 7.56 -5.26 -0.77
C TYR A 212 8.48 -4.79 0.36
N THR A 213 7.94 -4.08 1.34
CA THR A 213 8.78 -3.51 2.38
C THR A 213 9.36 -4.57 3.28
N ALA A 214 8.66 -5.69 3.49
CA ALA A 214 9.23 -6.77 4.29
C ALA A 214 10.45 -7.36 3.59
N LYS A 215 10.38 -7.53 2.25
CA LYS A 215 11.53 -8.08 1.54
C LYS A 215 12.68 -7.08 1.49
N ARG A 216 12.38 -5.79 1.32
CA ARG A 216 13.44 -4.79 1.34
C ARG A 216 14.10 -4.73 2.71
N ALA A 217 13.29 -4.86 3.77
CA ALA A 217 13.87 -4.83 5.11
C ALA A 217 14.83 -6.00 5.31
N ALA A 218 14.47 -7.17 4.80
CA ALA A 218 15.37 -8.33 4.90
C ALA A 218 16.68 -8.09 4.18
N VAL A 219 16.62 -7.48 2.98
CA VAL A 219 17.82 -7.13 2.22
C VAL A 219 18.68 -6.18 3.02
N ILE A 220 18.07 -5.14 3.58
CA ILE A 220 18.82 -4.12 4.31
C ILE A 220 19.47 -4.72 5.55
N LEU A 221 18.78 -5.66 6.20
CA LEU A 221 19.32 -6.32 7.39
C LEU A 221 20.36 -7.38 7.03
N GLY A 222 20.48 -7.76 5.76
CA GLY A 222 21.39 -8.82 5.38
C GLY A 222 20.96 -10.18 5.83
N LYS A 223 19.65 -10.43 5.89
CA LYS A 223 19.09 -11.66 6.42
C LYS A 223 18.18 -12.30 5.40
N LYS A 224 18.10 -13.63 5.45
CA LYS A 224 17.05 -14.31 4.71
C LYS A 224 15.70 -13.87 5.26
N PRO A 225 14.68 -13.70 4.42
CA PRO A 225 13.38 -13.26 4.94
C PRO A 225 12.87 -14.14 6.06
N GLU A 226 13.04 -15.46 5.94
CA GLU A 226 12.48 -16.37 6.93
C GLU A 226 13.07 -16.17 8.31
N ASP A 227 14.20 -15.48 8.41
CA ASP A 227 14.86 -15.22 9.68
C ASP A 227 14.56 -13.84 10.23
N THR A 228 13.72 -13.07 9.56
CA THR A 228 13.45 -11.70 10.00
C THR A 228 12.22 -11.62 10.89
N ASN A 229 12.29 -10.70 11.83
CA ASN A 229 11.20 -10.41 12.76
C ASN A 229 11.11 -8.91 12.83
N ILE A 230 10.09 -8.35 12.18
CA ILE A 230 10.01 -6.90 12.00
C ILE A 230 8.57 -6.47 12.14
N ILE A 231 8.36 -5.17 12.34
CA ILE A 231 7.04 -4.58 12.42
C ILE A 231 7.00 -3.41 11.46
N ILE A 232 6.03 -3.41 10.55
CA ILE A 232 5.92 -2.43 9.48
C ILE A 232 4.68 -1.60 9.68
N ALA A 233 4.84 -0.27 9.62
CA ALA A 233 3.72 0.66 9.67
C ALA A 233 3.57 1.30 8.29
N HIS A 234 2.52 0.93 7.57
CA HIS A 234 2.14 1.56 6.31
C HIS A 234 1.20 2.69 6.69
N ILE A 235 1.71 3.92 6.71
CA ILE A 235 0.93 5.04 7.21
C ILE A 235 0.64 5.93 6.00
N GLY A 236 -0.47 5.66 5.33
CA GLY A 236 -0.93 6.44 4.20
C GLY A 236 -2.27 7.02 4.57
N ASN A 237 -3.07 7.41 3.58
CA ASN A 237 -4.42 7.87 3.90
C ASN A 237 -5.18 6.79 4.64
N GLY A 238 -5.13 5.56 4.12
CA GLY A 238 -5.35 4.40 4.96
C GLY A 238 -4.06 4.00 5.64
N ALA A 239 -4.18 3.43 6.84
CA ALA A 239 -2.99 3.11 7.61
C ALA A 239 -3.19 1.80 8.32
N SER A 240 -2.16 0.96 8.28
CA SER A 240 -2.19 -0.30 9.02
C SER A 240 -0.77 -0.74 9.34
N MET A 241 -0.67 -1.66 10.29
CA MET A 241 0.59 -2.18 10.78
C MET A 241 0.58 -3.69 10.59
N CYS A 242 1.75 -4.26 10.36
CA CYS A 242 1.92 -5.70 10.20
C CYS A 242 3.05 -6.19 11.07
N CYS A 243 2.77 -7.24 11.83
CA CYS A 243 3.75 -7.96 12.62
C CYS A 243 4.25 -9.11 11.75
N VAL A 244 5.52 -9.03 11.35
CA VAL A 244 6.14 -10.02 10.47
C VAL A 244 7.03 -10.90 11.34
N LYS A 245 6.61 -12.14 11.55
CA LYS A 245 7.31 -13.11 12.38
C LYS A 245 7.90 -14.16 11.46
N GLN A 246 9.21 -14.34 11.54
CA GLN A 246 9.91 -15.28 10.67
C GLN A 246 9.55 -15.07 9.20
N GLY A 247 9.52 -13.81 8.79
CA GLY A 247 9.32 -13.46 7.40
C GLY A 247 7.90 -13.54 6.89
N LYS A 248 6.91 -13.84 7.75
CA LYS A 248 5.53 -14.00 7.32
C LYS A 248 4.63 -13.13 8.20
N CYS A 249 3.54 -12.65 7.63
CA CYS A 249 2.54 -11.97 8.44
C CYS A 249 2.05 -12.90 9.56
N PHE A 250 2.11 -12.38 10.78
CA PHE A 250 1.61 -13.02 11.99
C PHE A 250 0.39 -12.32 12.55
N ASP A 251 0.30 -11.00 12.41
CA ASP A 251 -0.85 -10.22 12.85
C ASP A 251 -0.83 -8.91 12.07
N THR A 252 -1.99 -8.28 11.98
CA THR A 252 -2.10 -7.01 11.27
C THR A 252 -3.29 -6.23 11.82
N SER A 253 -3.28 -4.90 11.62
CA SER A 253 -4.19 -4.06 12.37
C SER A 253 -5.54 -3.84 11.71
N MET A 254 -5.63 -3.87 10.39
CA MET A 254 -6.94 -3.86 9.77
C MET A 254 -7.62 -5.21 9.99
N GLY A 255 -8.91 -5.27 9.68
CA GLY A 255 -9.73 -6.37 10.17
C GLY A 255 -10.40 -7.17 9.07
N LEU A 256 -11.66 -7.51 9.30
CA LEU A 256 -12.50 -8.04 8.23
C LEU A 256 -12.49 -7.09 7.06
N THR A 257 -12.47 -5.80 7.35
CA THR A 257 -12.48 -4.71 6.40
C THR A 257 -11.34 -3.76 6.73
N PRO A 258 -11.09 -2.77 5.87
CA PRO A 258 -10.05 -1.77 6.15
C PRO A 258 -10.36 -0.78 7.27
N LEU A 259 -11.49 -0.93 7.98
CA LEU A 259 -11.86 0.06 8.98
C LEU A 259 -11.06 -0.05 10.27
N GLU A 260 -10.66 -1.25 10.66
CA GLU A 260 -10.07 -1.50 11.97
C GLU A 260 -8.63 -0.99 12.07
N GLY A 261 -8.23 -0.65 13.30
CA GLY A 261 -6.84 -0.44 13.62
C GLY A 261 -6.42 0.99 13.86
N LEU A 262 -5.41 1.44 13.13
CA LEU A 262 -4.77 2.74 13.30
C LEU A 262 -5.71 3.89 12.96
N VAL A 263 -5.37 5.08 13.46
CA VAL A 263 -6.04 6.29 13.01
C VAL A 263 -5.72 6.50 11.52
N MET A 264 -6.73 6.89 10.75
CA MET A 264 -6.57 7.10 9.31
C MET A 264 -7.12 8.46 8.93
N GLY A 265 -6.96 8.83 7.66
CA GLY A 265 -7.39 10.12 7.21
C GLY A 265 -8.87 10.37 7.41
N THR A 266 -9.70 9.39 7.08
CA THR A 266 -11.14 9.50 7.24
C THR A 266 -11.77 8.30 7.94
N ARG A 267 -10.99 7.27 8.28
CA ARG A 267 -11.52 6.09 8.95
C ARG A 267 -11.21 6.13 10.44
N SER A 268 -12.13 5.57 11.24
CA SER A 268 -12.02 5.64 12.68
C SER A 268 -10.89 4.75 13.20
N GLY A 269 -10.60 3.66 12.51
CA GLY A 269 -9.82 2.66 13.24
C GLY A 269 -10.58 2.12 14.43
N ASP A 270 -9.80 1.59 15.39
CA ASP A 270 -10.38 0.89 16.53
C ASP A 270 -11.40 1.72 17.27
N CYS A 271 -12.50 1.08 17.66
N CYS A 271 -12.54 1.12 17.58
CA CYS A 271 -13.60 1.72 18.36
CA CYS A 271 -13.47 1.74 18.51
C CYS A 271 -14.40 0.62 19.05
C CYS A 271 -14.38 0.65 19.06
N ASP A 272 -15.02 0.94 20.17
CA ASP A 272 -15.94 0.01 20.80
C ASP A 272 -16.96 -0.44 19.77
N PRO A 273 -17.13 -1.75 19.53
CA PRO A 273 -18.12 -2.16 18.53
C PRO A 273 -19.52 -1.69 18.83
N ALA A 274 -19.82 -1.35 20.09
CA ALA A 274 -21.15 -0.88 20.47
C ALA A 274 -21.31 0.61 20.24
N LEU A 275 -20.23 1.35 20.03
CA LEU A 275 -20.36 2.78 19.82
C LEU A 275 -21.18 3.11 18.57
N PRO A 276 -20.95 2.48 17.42
CA PRO A 276 -21.81 2.80 16.25
C PRO A 276 -23.28 2.57 16.51
N PHE A 277 -23.62 1.56 17.32
CA PHE A 277 -25.03 1.30 17.62
C PHE A 277 -25.60 2.38 18.55
N TYR A 278 -24.81 2.85 19.50
CA TYR A 278 -25.21 3.97 20.35
C TYR A 278 -25.49 5.22 19.52
N ILE A 279 -24.56 5.58 18.65
CA ILE A 279 -24.73 6.77 17.81
C ILE A 279 -25.96 6.63 16.93
N MET A 280 -26.21 5.42 16.43
CA MET A 280 -27.40 5.18 15.61
C MET A 280 -28.66 5.52 16.39
N ARG A 281 -28.75 5.06 17.64
CA ARG A 281 -29.91 5.38 18.46
C ARG A 281 -30.00 6.86 18.76
N LYS A 282 -28.88 7.58 18.72
CA LYS A 282 -28.93 9.02 18.95
C LYS A 282 -29.26 9.80 17.69
N THR A 283 -29.02 9.22 16.50
CA THR A 283 -29.12 9.99 15.26
C THR A 283 -30.17 9.53 14.27
N GLY A 284 -30.51 8.25 14.25
CA GLY A 284 -31.39 7.71 13.24
C GLY A 284 -30.67 7.09 12.06
N MET A 285 -29.34 7.14 12.05
CA MET A 285 -28.59 6.57 10.94
C MET A 285 -28.81 5.07 10.85
N THR A 286 -28.72 4.55 9.63
CA THR A 286 -28.80 3.13 9.34
C THR A 286 -27.42 2.56 9.08
N PRO A 287 -27.29 1.22 9.07
CA PRO A 287 -25.97 0.60 8.91
C PRO A 287 -25.12 1.16 7.77
N ALA A 288 -25.70 1.35 6.58
CA ALA A 288 -24.89 1.84 5.48
C ALA A 288 -24.41 3.26 5.75
N GLU A 289 -25.23 4.07 6.42
CA GLU A 289 -24.86 5.45 6.72
C GLU A 289 -23.79 5.49 7.81
N MET A 290 -24.01 4.72 8.88
CA MET A 290 -22.97 4.59 9.91
C MET A 290 -21.68 4.09 9.29
N ASP A 291 -21.77 3.09 8.41
CA ASP A 291 -20.56 2.58 7.73
C ASP A 291 -19.87 3.71 6.99
N THR A 292 -20.65 4.56 6.31
CA THR A 292 -20.07 5.70 5.61
C THR A 292 -19.45 6.70 6.58
N ALA A 293 -20.15 7.03 7.68
CA ALA A 293 -19.58 7.95 8.65
C ALA A 293 -18.25 7.44 9.19
N LEU A 294 -18.19 6.15 9.55
CA LEU A 294 -16.95 5.61 10.13
C LEU A 294 -15.83 5.51 9.11
N ASN A 295 -16.16 5.39 7.82
CA ASN A 295 -15.14 5.26 6.79
C ASN A 295 -14.77 6.56 6.11
N LYS A 296 -15.67 7.55 6.10
CA LYS A 296 -15.49 8.76 5.29
C LYS A 296 -15.52 10.04 6.10
N LYS A 297 -16.00 10.02 7.34
CA LYS A 297 -16.13 11.24 8.12
C LYS A 297 -15.45 11.14 9.48
N SER A 298 -14.65 10.10 9.71
CA SER A 298 -13.99 9.84 10.98
C SER A 298 -12.49 10.05 10.82
N GLY A 299 -11.70 9.36 11.64
CA GLY A 299 -10.27 9.57 11.55
C GLY A 299 -9.88 11.01 11.82
N LEU A 300 -8.80 11.45 11.15
CA LEU A 300 -8.34 12.83 11.30
C LEU A 300 -9.40 13.84 10.88
N LEU A 301 -10.16 13.53 9.83
CA LEU A 301 -11.22 14.43 9.41
C LEU A 301 -12.27 14.61 10.49
N GLY A 302 -12.65 13.52 11.16
CA GLY A 302 -13.63 13.65 12.21
C GLY A 302 -13.12 14.43 13.41
N VAL A 303 -11.88 14.15 13.84
CA VAL A 303 -11.35 14.82 15.02
C VAL A 303 -11.13 16.30 14.72
N THR A 304 -10.56 16.62 13.56
CA THR A 304 -10.23 18.01 13.26
C THR A 304 -11.41 18.77 12.71
N GLY A 305 -12.39 18.08 12.15
CA GLY A 305 -13.49 18.68 11.49
C GLY A 305 -13.23 19.15 10.06
N GLN A 306 -12.00 19.03 9.57
CA GLN A 306 -11.72 19.60 8.26
C GLN A 306 -10.50 19.05 7.53
N TYR A 307 -9.57 18.40 8.23
CA TYR A 307 -8.31 17.98 7.60
C TYR A 307 -8.24 16.46 7.45
N VAL A 308 -7.83 16.02 6.26
CA VAL A 308 -7.53 14.63 5.98
C VAL A 308 -6.02 14.39 5.89
N ASP A 309 -5.31 15.28 5.21
CA ASP A 309 -3.88 15.12 4.95
C ASP A 309 -3.10 15.42 6.21
N ARG A 310 -2.16 14.54 6.56
CA ARG A 310 -1.34 14.74 7.74
C ARG A 310 -0.55 16.04 7.65
N ARG A 311 -0.21 16.49 6.43
CA ARG A 311 0.52 17.74 6.29
C ARG A 311 -0.32 18.91 6.78
N ASP A 312 -1.64 18.86 6.51
CA ASP A 312 -2.53 19.90 7.01
C ASP A 312 -2.69 19.80 8.52
N VAL A 313 -2.80 18.58 9.04
CA VAL A 313 -2.88 18.42 10.50
C VAL A 313 -1.65 19.01 11.17
N SER A 314 -0.46 18.68 10.67
N SER A 314 -0.46 18.71 10.65
CA SER A 314 0.77 19.20 11.27
CA SER A 314 0.78 19.19 11.25
C SER A 314 0.82 20.72 11.15
C SER A 314 0.92 20.70 11.12
N LYS A 315 0.54 21.25 9.96
CA LYS A 315 0.58 22.70 9.79
C LYS A 315 -0.40 23.39 10.75
N ALA A 316 -1.62 22.86 10.87
CA ALA A 316 -2.60 23.47 11.75
C ALA A 316 -2.18 23.37 13.21
N MET A 317 -1.60 22.24 13.61
CA MET A 317 -1.04 22.13 14.97
C MET A 317 -0.01 23.22 15.23
N GLY A 318 0.86 23.48 14.26
CA GLY A 318 1.86 24.52 14.40
C GLY A 318 1.30 25.93 14.44
N GLU A 319 0.06 26.11 13.97
CA GLU A 319 -0.67 27.37 14.07
C GLU A 319 -1.46 27.51 15.36
N GLY A 320 -1.56 26.44 16.14
CA GLY A 320 -2.24 26.45 17.42
C GLY A 320 -3.58 25.75 17.45
N ASP A 321 -3.98 25.07 16.38
CA ASP A 321 -5.29 24.43 16.31
C ASP A 321 -5.32 23.26 17.27
N LYS A 322 -6.13 23.38 18.34
CA LYS A 322 -6.17 22.34 19.37
C LYS A 322 -6.77 21.03 18.86
N ARG A 323 -7.71 21.10 17.90
CA ARG A 323 -8.23 19.86 17.34
C ARG A 323 -7.17 19.12 16.52
N ALA A 324 -6.36 19.87 15.76
CA ALA A 324 -5.25 19.25 15.03
C ALA A 324 -4.19 18.68 15.99
N ARG A 325 -3.86 19.43 17.04
CA ARG A 325 -2.92 18.90 18.04
C ARG A 325 -3.44 17.60 18.66
N LEU A 326 -4.74 17.56 18.98
CA LEU A 326 -5.32 16.33 19.50
C LEU A 326 -5.21 15.19 18.49
N ALA A 327 -5.63 15.44 17.24
CA ALA A 327 -5.60 14.42 16.21
C ALA A 327 -4.18 13.87 16.01
N PHE A 328 -3.19 14.76 15.91
CA PHE A 328 -1.80 14.32 15.77
C PHE A 328 -1.40 13.40 16.91
N ASN A 329 -1.76 13.78 18.13
CA ASN A 329 -1.39 12.99 19.29
C ASN A 329 -2.14 11.66 19.35
N MET A 330 -3.40 11.65 18.93
CA MET A 330 -4.14 10.38 18.88
C MET A 330 -3.49 9.41 17.90
N GLU A 331 -3.11 9.91 16.71
CA GLU A 331 -2.43 9.05 15.76
C GLU A 331 -1.15 8.48 16.37
N VAL A 332 -0.32 9.36 16.93
CA VAL A 332 0.94 8.93 17.57
C VAL A 332 0.67 7.86 18.64
N TYR A 333 -0.28 8.14 19.54
CA TYR A 333 -0.50 7.25 20.67
C TYR A 333 -0.97 5.88 20.19
N ARG A 334 -1.86 5.85 19.20
CA ARG A 334 -2.31 4.55 18.73
C ARG A 334 -1.19 3.78 18.05
N LEU A 335 -0.32 4.48 17.31
CA LEU A 335 0.86 3.82 16.75
C LEU A 335 1.76 3.25 17.84
N GLN A 336 1.97 4.00 18.91
CA GLN A 336 2.77 3.50 20.02
C GLN A 336 2.18 2.24 20.60
N LYS A 337 0.88 2.24 20.84
CA LYS A 337 0.24 1.05 21.40
C LYS A 337 0.36 -0.14 20.47
N TYR A 338 0.17 0.07 19.16
CA TYR A 338 0.28 -1.06 18.23
C TYR A 338 1.73 -1.56 18.15
N PHE A 339 2.71 -0.67 18.13
CA PHE A 339 4.09 -1.15 18.19
C PHE A 339 4.33 -1.98 19.44
N GLY A 340 3.86 -1.50 20.59
CA GLY A 340 4.00 -2.28 21.83
C GLY A 340 3.32 -3.63 21.75
N ALA A 341 2.09 -3.65 21.26
CA ALA A 341 1.35 -4.90 21.10
C ALA A 341 2.06 -5.88 20.19
N TYR A 342 2.62 -5.40 19.08
CA TYR A 342 3.25 -6.30 18.13
C TYR A 342 4.65 -6.70 18.55
N ILE A 343 5.33 -5.87 19.35
CA ILE A 343 6.57 -6.32 19.98
C ILE A 343 6.26 -7.48 20.92
N ALA A 344 5.23 -7.33 21.75
CA ALA A 344 4.78 -8.45 22.57
C ALA A 344 4.47 -9.66 21.71
N ALA A 345 3.67 -9.46 20.66
CA ALA A 345 3.24 -10.59 19.83
C ALA A 345 4.42 -11.34 19.22
N LEU A 346 5.50 -10.63 18.90
CA LEU A 346 6.65 -11.30 18.31
C LEU A 346 7.35 -12.23 19.28
N GLY A 347 7.21 -12.02 20.58
CA GLY A 347 7.89 -12.87 21.54
C GLY A 347 9.38 -12.61 21.68
N GLN A 348 9.89 -11.56 21.03
CA GLN A 348 11.30 -11.21 21.10
C GLN A 348 11.42 -9.79 20.59
N LYS A 349 12.57 -9.20 20.82
CA LYS A 349 12.87 -7.89 20.26
C LYS A 349 12.83 -7.96 18.73
N PRO A 350 12.16 -7.03 18.06
CA PRO A 350 12.23 -7.03 16.59
C PRO A 350 13.61 -6.66 16.09
N ASP A 351 13.97 -7.18 14.92
CA ASP A 351 15.18 -6.73 14.26
C ASP A 351 15.08 -5.25 13.92
N ALA A 352 13.89 -4.82 13.52
CA ALA A 352 13.69 -3.48 13.01
C ALA A 352 12.20 -3.17 13.02
N ILE A 353 11.91 -1.88 13.05
CA ILE A 353 10.60 -1.34 12.67
C ILE A 353 10.79 -0.56 11.39
N VAL A 354 9.73 -0.50 10.61
CA VAL A 354 9.77 0.12 9.28
C VAL A 354 8.62 1.09 9.17
N PHE A 355 8.91 2.29 8.67
CA PHE A 355 7.89 3.27 8.31
C PHE A 355 7.79 3.35 6.79
N THR A 356 6.56 3.35 6.27
CA THR A 356 6.36 3.45 4.83
C THR A 356 5.05 4.18 4.54
N ALA A 357 4.78 4.32 3.25
CA ALA A 357 3.69 5.14 2.70
C ALA A 357 3.94 6.62 2.99
N GLY A 358 3.02 7.49 2.60
CA GLY A 358 3.33 8.92 2.59
C GLY A 358 3.72 9.47 3.95
N VAL A 359 2.94 9.13 4.98
CA VAL A 359 3.27 9.63 6.31
C VAL A 359 4.53 8.96 6.83
N GLY A 360 4.66 7.65 6.59
CA GLY A 360 5.88 6.98 7.02
C GLY A 360 7.13 7.58 6.41
N GLU A 361 7.06 8.05 5.19
N GLU A 361 7.03 8.04 5.17
CA GLU A 361 8.27 8.54 4.54
CA GLU A 361 8.16 8.55 4.38
C GLU A 361 8.49 10.05 4.68
C GLU A 361 8.46 10.01 4.71
N PHE A 362 7.44 10.84 4.93
CA PHE A 362 7.60 12.28 5.09
C PHE A 362 7.28 12.83 6.47
N GLY A 363 6.54 12.10 7.29
CA GLY A 363 6.00 12.60 8.54
C GLY A 363 7.01 12.49 9.67
N PHE A 364 8.07 13.31 9.60
CA PHE A 364 9.17 13.19 10.55
C PHE A 364 8.68 13.46 11.97
N ASP A 365 7.66 14.29 12.13
CA ASP A 365 7.17 14.63 13.46
C ASP A 365 6.38 13.47 14.07
N THR A 366 5.56 12.81 13.26
CA THR A 366 4.90 11.58 13.70
C THR A 366 5.94 10.53 14.12
N ARG A 367 6.93 10.30 13.25
CA ARG A 367 7.93 9.29 13.58
C ARG A 367 8.67 9.62 14.88
N LEU A 368 9.05 10.88 15.05
CA LEU A 368 9.76 11.27 16.26
C LEU A 368 8.91 11.03 17.50
N ALA A 369 7.66 11.49 17.47
CA ALA A 369 6.80 11.37 18.63
C ALA A 369 6.52 9.91 18.95
N VAL A 370 6.29 9.09 17.94
CA VAL A 370 6.07 7.67 18.17
C VAL A 370 7.30 7.06 18.84
N CYS A 371 8.46 7.23 18.22
CA CYS A 371 9.64 6.53 18.68
C CYS A 371 10.13 7.02 20.02
N GLU A 372 9.98 8.31 20.34
CA GLU A 372 10.44 8.79 21.64
C GLU A 372 9.67 8.13 22.79
N GLY A 373 8.45 7.68 22.53
CA GLY A 373 7.69 6.97 23.54
C GLY A 373 7.96 5.49 23.63
N LEU A 374 8.95 4.99 22.89
CA LEU A 374 9.24 3.56 22.79
C LEU A 374 10.69 3.25 23.13
N THR A 375 11.41 4.19 23.75
CA THR A 375 12.82 3.98 24.01
C THR A 375 13.05 2.84 24.99
N HIS A 376 12.09 2.57 25.87
CA HIS A 376 12.22 1.46 26.83
C HIS A 376 11.90 0.12 26.20
N LEU A 377 11.46 0.11 24.95
CA LEU A 377 11.27 -1.09 24.17
C LEU A 377 12.34 -1.25 23.11
N GLY A 378 13.45 -0.55 23.25
CA GLY A 378 14.58 -0.72 22.37
C GLY A 378 14.57 0.13 21.12
N ILE A 379 13.65 1.08 21.01
CA ILE A 379 13.47 1.86 19.78
C ILE A 379 14.02 3.25 20.08
N LYS A 380 15.21 3.54 19.53
CA LYS A 380 15.92 4.78 19.79
C LYS A 380 16.20 5.50 18.48
N ILE A 381 15.38 6.49 18.20
CA ILE A 381 15.52 7.30 17.00
C ILE A 381 16.65 8.29 17.18
N ASP A 382 17.27 8.66 16.07
CA ASP A 382 18.25 9.75 16.05
C ASP A 382 17.54 10.94 15.43
N PRO A 383 17.24 11.99 16.20
CA PRO A 383 16.46 13.10 15.64
C PRO A 383 17.09 13.76 14.41
N LYS A 384 18.41 13.84 14.34
CA LYS A 384 19.05 14.43 13.17
C LYS A 384 18.83 13.57 11.94
N LYS A 385 19.00 12.26 12.07
CA LYS A 385 18.72 11.37 10.95
C LYS A 385 17.25 11.45 10.54
N ASN A 386 16.36 11.43 11.53
CA ASN A 386 14.93 11.47 11.26
C ASN A 386 14.54 12.68 10.45
N ALA A 387 15.10 13.86 10.79
CA ALA A 387 14.73 15.07 10.07
C ALA A 387 15.20 15.07 8.62
N LEU A 388 16.28 14.35 8.31
CA LEU A 388 16.76 14.23 6.94
C LEU A 388 15.91 13.32 6.08
N ALA A 389 15.17 12.40 6.68
CA ALA A 389 14.44 11.37 5.95
C ALA A 389 13.08 11.92 5.53
N ARG A 390 13.11 12.77 4.49
CA ARG A 390 11.89 13.39 3.97
C ARG A 390 11.89 13.32 2.45
N THR A 391 12.09 12.13 1.94
CA THR A 391 12.17 11.87 0.52
C THR A 391 11.49 10.54 0.19
N ARG A 392 10.92 10.46 -1.01
CA ARG A 392 10.46 9.16 -1.48
C ARG A 392 11.53 8.42 -2.25
N ASN A 393 12.71 9.00 -2.42
CA ASN A 393 13.70 8.47 -3.33
C ASN A 393 14.80 7.65 -2.70
N ALA A 394 14.76 7.45 -1.38
CA ALA A 394 15.79 6.65 -0.75
C ALA A 394 15.21 5.87 0.41
N GLU A 395 15.79 4.69 0.62
CA GLU A 395 15.63 3.92 1.84
C GLU A 395 16.69 4.40 2.84
N THR A 396 16.26 4.69 4.06
CA THR A 396 17.16 5.27 5.05
C THR A 396 17.04 4.54 6.38
N CYS A 397 18.09 4.70 7.19
CA CYS A 397 18.10 4.25 8.57
C CYS A 397 18.16 5.47 9.47
N ILE A 398 17.16 5.63 10.32
CA ILE A 398 17.02 6.81 11.16
C ILE A 398 17.20 6.50 12.63
N SER A 399 17.51 5.27 12.99
CA SER A 399 17.79 4.96 14.40
C SER A 399 19.19 5.42 14.78
N ALA A 400 19.36 5.68 16.08
CA ALA A 400 20.68 5.88 16.65
C ALA A 400 21.56 4.67 16.36
N ASP A 401 22.86 4.91 16.25
CA ASP A 401 23.77 3.84 15.84
C ASP A 401 23.65 2.60 16.72
N ASP A 402 23.40 2.79 18.02
N ASP A 402 23.40 2.77 18.02
CA ASP A 402 23.35 1.69 18.98
CA ASP A 402 23.31 1.64 18.94
C ASP A 402 21.92 1.34 19.41
C ASP A 402 21.90 1.36 19.42
N SER A 403 20.91 1.78 18.68
CA SER A 403 19.54 1.41 19.01
C SER A 403 19.40 -0.11 18.94
N PRO A 404 18.86 -0.76 19.99
CA PRO A 404 18.63 -2.22 19.88
C PRO A 404 17.83 -2.62 18.64
N VAL A 405 16.80 -1.85 18.33
CA VAL A 405 15.92 -2.10 17.20
C VAL A 405 16.26 -1.08 16.12
N LYS A 406 16.55 -1.56 14.91
CA LYS A 406 16.78 -0.62 13.83
C LYS A 406 15.47 0.07 13.42
N ILE A 407 15.56 1.30 12.92
CA ILE A 407 14.40 2.02 12.41
C ILE A 407 14.69 2.39 10.98
N PHE A 408 13.90 1.86 10.05
CA PHE A 408 14.08 2.13 8.63
C PHE A 408 12.89 2.90 8.07
N VAL A 409 13.16 3.80 7.15
CA VAL A 409 12.15 4.37 6.28
C VAL A 409 12.37 3.73 4.91
N ILE A 410 11.39 2.96 4.46
CA ILE A 410 11.48 2.23 3.20
C ILE A 410 10.29 2.66 2.35
N PRO A 411 10.49 3.59 1.41
CA PRO A 411 9.37 3.96 0.52
C PRO A 411 8.86 2.73 -0.19
N THR A 412 7.54 2.60 -0.23
CA THR A 412 6.94 1.37 -0.76
C THR A 412 6.88 1.39 -2.29
N ASP A 413 6.50 0.26 -2.87
CA ASP A 413 6.41 0.11 -4.32
C ASP A 413 5.38 -0.99 -4.60
N GLU A 414 4.12 -0.66 -4.34
CA GLU A 414 3.03 -1.62 -4.55
C GLU A 414 2.93 -1.98 -6.02
N GLU A 415 3.16 -1.00 -6.89
CA GLU A 415 3.06 -1.24 -8.32
C GLU A 415 4.07 -2.25 -8.81
N LEU A 416 5.26 -2.27 -8.21
CA LEU A 416 6.27 -3.23 -8.63
C LEU A 416 5.86 -4.65 -8.26
N VAL A 417 5.26 -4.84 -7.08
CA VAL A 417 4.76 -6.17 -6.73
C VAL A 417 3.72 -6.62 -7.75
N MET A 418 2.78 -5.74 -8.08
CA MET A 418 1.77 -6.08 -9.07
C MET A 418 2.42 -6.41 -10.40
N THR A 419 3.42 -5.62 -10.80
CA THR A 419 4.09 -5.83 -12.08
C THR A 419 4.79 -7.18 -12.11
N GLU A 420 5.55 -7.47 -11.05
CA GLU A 420 6.34 -8.70 -11.02
C GLU A 420 5.45 -9.92 -10.89
N ASP A 421 4.37 -9.82 -10.12
CA ASP A 421 3.43 -10.94 -10.03
C ASP A 421 2.86 -11.25 -11.40
N ALA A 422 2.44 -10.21 -12.13
CA ALA A 422 1.89 -10.43 -13.46
C ALA A 422 2.93 -11.02 -14.40
N TYR A 423 4.16 -10.49 -14.36
CA TYR A 423 5.23 -11.05 -15.19
C TYR A 423 5.48 -12.51 -14.85
N ALA A 424 5.60 -12.83 -13.55
CA ALA A 424 5.92 -14.18 -13.14
C ALA A 424 4.76 -15.15 -13.40
N LEU A 425 3.51 -14.68 -13.25
CA LEU A 425 2.38 -15.53 -13.62
C LEU A 425 2.39 -15.81 -15.11
N MET A 426 2.64 -14.78 -15.92
N MET A 426 2.66 -14.78 -15.92
CA MET A 426 2.72 -14.97 -17.37
CA MET A 426 2.70 -14.96 -17.36
C MET A 426 3.81 -15.97 -17.73
C MET A 426 3.81 -15.93 -17.76
N LYS A 427 4.96 -15.86 -17.07
CA LYS A 427 6.09 -16.76 -17.32
C LYS A 427 5.90 -18.16 -16.77
N GLY A 428 5.04 -18.30 -15.75
CA GLY A 428 4.76 -19.59 -15.13
C GLY A 428 5.58 -19.91 -13.91
N THR A 429 6.28 -18.94 -13.32
CA THR A 429 7.13 -19.21 -12.17
C THR A 429 6.59 -18.67 -10.86
N TYR A 430 5.48 -17.93 -10.89
CA TYR A 430 4.97 -17.29 -9.69
C TYR A 430 4.57 -18.33 -8.65
N ASP A 431 4.78 -17.99 -7.37
CA ASP A 431 4.22 -18.76 -6.27
C ASP A 431 4.13 -17.82 -5.06
N VAL A 432 3.53 -18.34 -3.98
CA VAL A 432 3.47 -17.59 -2.73
C VAL A 432 4.89 -17.24 -2.28
N HIS A 433 5.00 -16.13 -1.54
CA HIS A 433 6.30 -15.51 -1.31
C HIS A 433 7.23 -16.38 -0.48
N THR A 434 6.69 -17.33 0.29
CA THR A 434 7.53 -18.25 1.03
C THR A 434 8.21 -19.26 0.12
N LYS A 435 7.86 -19.28 -1.18
CA LYS A 435 8.41 -20.21 -2.15
C LYS A 435 8.80 -19.51 -3.45
N PHE A 436 8.95 -18.21 -3.44
CA PHE A 436 9.19 -17.43 -4.65
C PHE A 436 10.12 -16.29 -4.30
N THR A 437 11.00 -15.95 -5.24
CA THR A 437 11.99 -14.89 -5.04
C THR A 437 11.70 -13.72 -5.97
N TYR A 438 11.54 -12.53 -5.39
CA TYR A 438 11.33 -11.31 -6.13
C TYR A 438 12.65 -10.64 -6.51
N SER A 439 12.60 -9.91 -7.63
CA SER A 439 13.74 -9.11 -8.08
C SER A 439 14.28 -8.21 -6.97
N PHE A 440 13.39 -7.59 -6.20
CA PHE A 440 13.78 -6.61 -5.20
C PHE A 440 14.30 -7.26 -3.91
N GLN A 441 14.43 -8.59 -3.87
CA GLN A 441 15.19 -9.26 -2.83
C GLN A 441 16.68 -9.28 -3.13
N SER A 442 17.10 -8.82 -4.30
CA SER A 442 18.52 -8.77 -4.58
C SER A 442 19.16 -7.58 -3.88
N PRO A 443 20.34 -7.76 -3.27
CA PRO A 443 21.05 -6.61 -2.73
C PRO A 443 21.33 -5.55 -3.77
N ASN A 444 21.38 -5.92 -5.05
CA ASN A 444 21.70 -5.01 -6.13
C ASN A 444 20.49 -4.48 -6.87
N TYR A 445 19.29 -4.77 -6.37
CA TYR A 445 18.08 -4.17 -6.95
C TYR A 445 18.17 -2.66 -6.87
N VAL A 446 17.83 -1.99 -7.97
N VAL A 446 17.82 -1.99 -7.96
CA VAL A 446 17.77 -0.53 -8.02
CA VAL A 446 17.78 -0.53 -8.02
C VAL A 446 16.44 -0.10 -8.62
C VAL A 446 16.46 -0.09 -8.63
N ASN A 447 15.91 1.00 -8.10
CA ASN A 447 14.74 1.66 -8.67
C ASN A 447 15.27 2.85 -9.46
N LYS A 448 15.18 2.76 -10.79
CA LYS A 448 15.84 3.75 -11.65
C LYS A 448 15.28 5.15 -11.45
N ALA A 449 13.95 5.29 -11.38
CA ALA A 449 13.38 6.62 -11.23
C ALA A 449 13.77 7.23 -9.89
N ARG A 450 13.77 6.42 -8.84
CA ARG A 450 14.14 6.93 -7.52
C ARG A 450 15.61 7.26 -7.45
N ALA A 451 16.45 6.49 -8.14
CA ALA A 451 17.86 6.83 -8.17
C ALA A 451 18.07 8.20 -8.82
N GLU A 452 17.33 8.49 -9.88
CA GLU A 452 17.46 9.81 -10.49
C GLU A 452 16.92 10.90 -9.58
N GLY A 453 15.79 10.64 -8.90
CA GLY A 453 15.27 11.64 -7.99
C GLY A 453 16.18 11.88 -6.80
N LEU A 454 16.85 10.83 -6.33
CA LEU A 454 17.78 10.98 -5.22
C LEU A 454 18.94 11.87 -5.60
N LYS A 455 19.49 11.73 -6.82
CA LYS A 455 20.55 12.63 -7.27
C LYS A 455 20.13 14.08 -7.07
N LYS A 456 18.90 14.41 -7.46
CA LYS A 456 18.40 15.77 -7.28
C LYS A 456 18.24 16.12 -5.81
N ASP A 457 17.71 15.20 -5.01
CA ASP A 457 17.57 15.46 -3.57
C ASP A 457 18.91 15.77 -2.93
N LEU A 458 19.95 15.04 -3.35
CA LEU A 458 21.26 15.22 -2.74
C LEU A 458 21.90 16.55 -3.14
N GLU A 459 21.56 17.07 -4.33
CA GLU A 459 22.07 18.40 -4.70
C GLU A 459 21.62 19.45 -3.69
N LYS A 460 20.38 19.33 -3.21
CA LYS A 460 19.82 20.31 -2.29
C LYS A 460 20.08 19.98 -0.82
N LYS A 461 20.25 18.71 -0.50
CA LYS A 461 20.42 18.26 0.88
C LYS A 461 21.48 17.18 0.92
N PRO A 462 22.75 17.56 0.77
CA PRO A 462 23.81 16.54 0.67
C PRO A 462 23.91 15.63 1.87
N GLU A 463 23.54 16.12 3.05
CA GLU A 463 23.63 15.31 4.27
C GLU A 463 22.69 14.11 4.22
N LEU A 464 21.68 14.11 3.35
CA LEU A 464 20.81 12.95 3.21
C LEU A 464 21.61 11.69 2.86
N ALA A 465 22.71 11.86 2.14
CA ALA A 465 23.52 10.71 1.75
C ALA A 465 24.00 9.93 2.97
N SER A 466 24.16 10.59 4.11
CA SER A 466 24.71 9.93 5.29
C SER A 466 23.75 8.94 5.93
N ILE A 467 22.45 8.99 5.60
CA ILE A 467 21.46 8.10 6.20
C ILE A 467 20.91 7.07 5.21
N VAL A 468 21.30 7.13 3.94
CA VAL A 468 20.87 6.11 2.99
C VAL A 468 21.41 4.76 3.44
N VAL A 469 20.57 3.72 3.38
CA VAL A 469 20.96 2.42 3.90
C VAL A 469 22.18 1.89 3.17
N LYS A 470 23.02 1.19 3.92
CA LYS A 470 24.14 0.44 3.38
C LYS A 470 23.75 -1.03 3.35
N ILE A 471 23.65 -1.59 2.17
CA ILE A 471 23.03 -2.91 1.98
C ILE A 471 24.12 -3.97 1.98
N PRO A 472 24.09 -4.94 2.90
CA PRO A 472 25.10 -5.99 2.85
C PRO A 472 25.07 -6.73 1.52
N GLY A 473 26.27 -6.95 0.99
CA GLY A 473 26.40 -7.68 -0.25
C GLY A 473 26.17 -6.87 -1.50
N ALA A 474 25.74 -5.63 -1.37
CA ALA A 474 25.55 -4.78 -2.54
C ALA A 474 26.92 -4.40 -3.09
N ARG A 475 27.12 -4.63 -4.37
CA ARG A 475 28.44 -4.47 -4.98
C ARG A 475 28.38 -3.24 -5.84
#